data_8PA4
#
_entry.id   8PA4
#
_cell.length_a   39.570
_cell.length_b   67.920
_cell.length_c   40.240
_cell.angle_alpha   90.000
_cell.angle_beta   93.280
_cell.angle_gamma   90.000
#
_symmetry.space_group_name_H-M   'P 1 21 1'
#
loop_
_entity.id
_entity.type
_entity.pdbx_description
1 polymer 'Beta-lactamase VIM-1'
2 non-polymer 'ZINC ION'
3 non-polymer '3-[4-(carbamimidamidomethyl)-3-fluoranyl-phenyl]-7-propan-2-yl-1~{H}-indole-2-carboxylic acid'
4 water water
#
_entity_poly.entity_id   1
_entity_poly.type   'polypeptide(L)'
_entity_poly.pdbx_seq_one_letter_code
;MLKVISSLLVYMTASVMAVASPLAHSGEPSGEYPTVNEIPVGEVRLYQIADGVWSHIATQSFDGAVYPSNGLIVRDGDEL
LLIDTAWGAKNTAALLAEIEKQIGLPVTRAVSTHFHDDRVGGVDVLRAAGVATYASPSTRRLAEAEGNEIPTHSLEGLSS
SGDAVRFGPVELFYPGAAHSTDNLVVYVPSANVLYGGCAVHELSSTSAGNVADADLAEWPTSVERIQKHYPEAEVVIPGH
GLPGGLDLLQHTANVVKAHKNRSVAE
;
_entity_poly.pdbx_strand_id   A
#
loop_
_chem_comp.id
_chem_comp.type
_chem_comp.name
_chem_comp.formula
XN6 non-polymer '3-[4-(carbamimidamidomethyl)-3-fluoranyl-phenyl]-7-propan-2-yl-1~{H}-indole-2-carboxylic acid' 'C20 H21 F N4 O2'
ZN non-polymer 'ZINC ION' 'Zn 2'
#
# COMPACT_ATOMS: atom_id res chain seq x y z
N SER A 30 20.76 -9.95 6.04
N SER A 30 18.18 -10.44 6.85
CA SER A 30 21.39 -8.72 5.57
CA SER A 30 19.19 -9.99 7.80
C SER A 30 20.75 -7.49 6.20
C SER A 30 19.46 -8.50 7.66
N GLY A 31 19.50 -7.63 6.63
N GLY A 31 18.45 -7.71 7.33
CA GLY A 31 18.74 -6.50 7.12
CA GLY A 31 18.68 -6.28 7.22
C GLY A 31 18.35 -5.55 6.02
C GLY A 31 18.24 -5.52 6.00
N GLU A 32 18.61 -5.95 4.79
CA GLU A 32 18.18 -5.21 3.62
C GLU A 32 16.69 -5.47 3.38
N TYR A 33 16.14 -4.69 2.51
CA TYR A 33 14.71 -4.80 2.27
C TYR A 33 14.43 -6.11 1.55
N PRO A 34 13.43 -6.86 1.96
CA PRO A 34 13.27 -8.19 1.37
C PRO A 34 12.61 -8.15 0.00
N THR A 35 13.15 -8.97 -0.92
N THR A 35 12.73 -9.33 -0.60
CA THR A 35 12.76 -9.00 -2.34
CA THR A 35 12.19 -9.68 -1.87
C THR A 35 11.92 -10.24 -2.69
C THR A 35 11.57 -11.06 -1.77
N VAL A 36 11.34 -10.25 -3.90
N VAL A 36 10.98 -11.49 -2.87
CA VAL A 36 10.32 -11.25 -4.23
CA VAL A 36 10.38 -12.82 -2.96
C VAL A 36 10.85 -12.68 -4.08
C VAL A 36 11.35 -13.92 -2.56
N ASN A 37 12.07 -12.95 -4.54
N ASN A 37 12.65 -13.71 -2.79
CA ASN A 37 12.55 -14.34 -4.45
CA ASN A 37 13.61 -14.78 -2.52
C ASN A 37 12.96 -14.74 -3.03
C ASN A 37 13.87 -14.95 -1.04
N GLU A 38 12.93 -13.81 -2.07
N GLU A 38 13.50 -13.96 -0.23
CA GLU A 38 13.31 -14.09 -0.70
CA GLU A 38 13.48 -14.06 1.21
C GLU A 38 12.12 -14.41 0.19
C GLU A 38 12.10 -14.42 1.76
N ILE A 39 10.89 -14.28 -0.31
N ILE A 39 11.06 -14.29 0.95
CA ILE A 39 9.70 -14.47 0.52
CA ILE A 39 9.68 -14.51 1.37
C ILE A 39 8.79 -15.51 -0.14
C ILE A 39 9.08 -15.67 0.59
N PRO A 40 8.69 -16.71 0.41
N PRO A 40 8.85 -16.84 1.24
CA PRO A 40 7.73 -17.69 -0.13
CA PRO A 40 8.38 -18.03 0.54
C PRO A 40 6.31 -17.17 -0.02
C PRO A 40 6.87 -18.14 0.37
N VAL A 41 5.47 -17.56 -0.98
N VAL A 41 6.23 -17.08 -0.14
CA VAL A 41 4.08 -17.16 -0.92
CA VAL A 41 4.80 -16.99 -0.41
C VAL A 41 3.45 -17.75 0.33
C VAL A 41 3.94 -17.70 0.63
N GLY A 42 2.82 -16.90 1.15
N GLY A 42 3.02 -16.96 1.25
CA GLY A 42 2.28 -17.30 2.44
CA GLY A 42 2.37 -17.39 2.47
C GLY A 42 3.02 -16.80 3.67
C GLY A 42 3.07 -16.95 3.72
N GLU A 43 4.26 -16.33 3.55
N GLU A 43 4.24 -16.33 3.58
CA GLU A 43 5.00 -15.74 4.66
CA GLU A 43 5.03 -15.75 4.66
C GLU A 43 4.95 -14.24 4.54
C GLU A 43 4.96 -14.24 4.54
N VAL A 44 5.12 -13.55 5.67
CA VAL A 44 5.13 -12.10 5.70
C VAL A 44 6.35 -11.62 6.47
N ARG A 45 7.01 -10.59 5.92
N ARG A 45 7.00 -10.59 5.97
CA ARG A 45 8.11 -9.87 6.54
CA ARG A 45 8.08 -9.98 6.72
C ARG A 45 7.66 -8.49 6.98
C ARG A 45 7.76 -8.51 6.95
N LEU A 46 8.23 -8.00 8.07
CA LEU A 46 8.12 -6.59 8.42
C LEU A 46 9.48 -5.93 8.29
N TYR A 47 9.48 -4.64 7.99
CA TYR A 47 10.71 -3.85 7.84
C TYR A 47 10.52 -2.53 8.55
N GLN A 48 11.39 -2.21 9.49
CA GLN A 48 11.28 -0.95 10.21
C GLN A 48 11.70 0.21 9.30
N ILE A 49 10.79 1.14 9.09
CA ILE A 49 11.06 2.29 8.22
C ILE A 49 11.53 3.49 9.05
N ALA A 50 10.89 3.72 10.19
CA ALA A 50 11.15 4.85 11.07
C ALA A 50 10.57 4.48 12.43
N ASP A 51 10.78 5.33 13.42
CA ASP A 51 10.16 5.07 14.71
CA ASP A 51 10.16 5.08 14.71
C ASP A 51 8.64 4.98 14.56
N GLY A 52 8.09 3.85 14.96
CA GLY A 52 6.65 3.65 14.87
C GLY A 52 6.10 3.46 13.48
N VAL A 53 6.94 3.16 12.50
CA VAL A 53 6.49 2.94 11.13
C VAL A 53 7.20 1.71 10.58
N TRP A 54 6.43 0.76 10.08
CA TRP A 54 6.95 -0.43 9.43
C TRP A 54 6.30 -0.56 8.07
N SER A 55 6.99 -1.19 7.14
CA SER A 55 6.30 -1.78 6.00
C SER A 55 6.10 -3.27 6.24
N HIS A 56 5.09 -3.84 5.58
CA HIS A 56 4.91 -5.27 5.51
C HIS A 56 5.06 -5.72 4.07
N ILE A 57 5.68 -6.87 3.88
CA ILE A 57 6.00 -7.39 2.57
C ILE A 57 5.54 -8.84 2.48
N ALA A 58 4.84 -9.17 1.41
CA ALA A 58 4.35 -10.51 1.18
C ALA A 58 4.45 -10.79 -0.32
N THR A 59 4.23 -12.03 -0.71
CA THR A 59 4.27 -12.37 -2.13
CA THR A 59 4.30 -12.45 -2.09
C THR A 59 3.02 -13.17 -2.47
N GLN A 60 2.63 -13.07 -3.73
CA GLN A 60 1.41 -13.73 -4.19
C GLN A 60 1.57 -14.10 -5.64
N SER A 61 0.88 -15.17 -6.04
N SER A 61 0.87 -15.14 -6.05
CA SER A 61 0.77 -15.62 -7.42
CA SER A 61 0.85 -15.53 -7.45
C SER A 61 -0.44 -14.94 -8.06
C SER A 61 -0.44 -15.03 -8.11
N PHE A 62 -0.29 -14.53 -9.32
CA PHE A 62 -1.39 -13.95 -10.08
C PHE A 62 -1.12 -14.23 -11.54
N ASP A 63 -2.09 -14.89 -12.22
CA ASP A 63 -1.86 -15.24 -13.63
C ASP A 63 -0.56 -15.95 -13.89
N GLY A 64 -0.15 -16.79 -12.96
CA GLY A 64 1.00 -17.63 -13.20
C GLY A 64 2.36 -16.98 -13.00
N ALA A 65 2.41 -15.83 -12.34
CA ALA A 65 3.68 -15.22 -11.97
C ALA A 65 3.58 -14.80 -10.51
N VAL A 66 4.73 -14.67 -9.87
CA VAL A 66 4.81 -14.29 -8.46
C VAL A 66 5.30 -12.85 -8.35
N TYR A 67 4.64 -12.09 -7.48
CA TYR A 67 4.91 -10.69 -7.26
C TYR A 67 5.02 -10.39 -5.78
N PRO A 68 5.92 -9.49 -5.39
CA PRO A 68 5.91 -8.95 -4.03
C PRO A 68 4.92 -7.80 -3.95
N SER A 69 4.59 -7.42 -2.72
N SER A 69 4.49 -7.49 -2.73
CA SER A 69 3.70 -6.30 -2.49
CA SER A 69 3.74 -6.26 -2.49
C SER A 69 3.89 -5.77 -1.07
C SER A 69 3.97 -5.76 -1.09
N ASN A 70 3.81 -4.46 -0.93
CA ASN A 70 4.01 -3.76 0.34
C ASN A 70 2.69 -3.27 0.92
N GLY A 71 2.69 -3.10 2.22
CA GLY A 71 1.74 -2.27 2.95
C GLY A 71 2.47 -1.54 4.07
N LEU A 72 1.72 -0.88 4.94
CA LEU A 72 2.27 -0.05 5.99
C LEU A 72 1.62 -0.40 7.33
N ILE A 73 2.38 -0.21 8.40
CA ILE A 73 1.90 -0.31 9.78
C ILE A 73 2.38 0.95 10.50
N VAL A 74 1.46 1.63 11.19
CA VAL A 74 1.82 2.87 11.89
C VAL A 74 1.34 2.77 13.33
N ARG A 75 2.26 3.00 14.27
N ARG A 75 2.25 3.00 14.27
CA ARG A 75 1.90 3.00 15.67
CA ARG A 75 1.86 2.97 15.67
C ARG A 75 0.94 4.16 15.97
C ARG A 75 0.96 4.15 16.00
N ASP A 76 -0.11 3.86 16.74
CA ASP A 76 -1.25 4.75 17.02
C ASP A 76 -1.46 4.63 18.54
N GLY A 77 -0.53 5.19 19.30
CA GLY A 77 -0.54 5.03 20.75
C GLY A 77 -0.13 3.63 21.19
N ASP A 78 -1.04 2.92 21.87
CA ASP A 78 -0.84 1.51 22.14
C ASP A 78 -1.64 0.62 21.19
N GLU A 79 -2.02 1.14 20.03
CA GLU A 79 -2.66 0.35 18.99
C GLU A 79 -1.91 0.58 17.69
N LEU A 80 -2.29 -0.16 16.66
CA LEU A 80 -1.70 -0.04 15.33
C LEU A 80 -2.76 0.25 14.29
N LEU A 81 -2.39 1.09 13.33
CA LEU A 81 -3.12 1.33 12.09
C LEU A 81 -2.43 0.56 10.97
N LEU A 82 -3.20 -0.24 10.25
CA LEU A 82 -2.71 -0.99 9.11
C LEU A 82 -3.13 -0.29 7.81
N ILE A 83 -2.19 -0.16 6.88
CA ILE A 83 -2.49 0.29 5.52
C ILE A 83 -2.27 -0.88 4.58
N ASP A 84 -3.36 -1.34 3.96
CA ASP A 84 -3.41 -2.40 2.96
C ASP A 84 -3.22 -3.79 3.55
N THR A 85 -3.93 -4.74 2.96
CA THR A 85 -3.75 -6.14 3.29
C THR A 85 -2.44 -6.65 2.72
N ALA A 86 -2.15 -7.93 3.01
CA ALA A 86 -0.97 -8.62 2.48
C ALA A 86 -1.27 -9.45 1.22
N TRP A 87 -2.33 -9.12 0.49
CA TRP A 87 -2.63 -9.74 -0.81
C TRP A 87 -3.06 -11.18 -0.61
N GLY A 88 -4.21 -11.35 0.01
CA GLY A 88 -4.82 -12.65 0.16
C GLY A 88 -5.16 -12.97 1.60
N ALA A 89 -6.10 -13.88 1.76
CA ALA A 89 -6.57 -14.27 3.08
C ALA A 89 -5.47 -14.91 3.92
N LYS A 90 -4.82 -15.93 3.38
N LYS A 90 -4.81 -15.92 3.38
CA LYS A 90 -3.78 -16.61 4.15
CA LYS A 90 -3.80 -16.58 4.19
C LYS A 90 -2.61 -15.67 4.44
C LYS A 90 -2.59 -15.68 4.45
N ASN A 91 -2.18 -14.88 3.45
CA ASN A 91 -1.13 -13.92 3.70
C ASN A 91 -1.51 -12.94 4.80
N THR A 92 -2.76 -12.50 4.80
CA THR A 92 -3.19 -11.50 5.79
C THR A 92 -3.27 -12.10 7.19
N ALA A 93 -3.70 -13.37 7.31
CA ALA A 93 -3.59 -14.04 8.60
C ALA A 93 -2.14 -14.12 9.06
N ALA A 94 -1.24 -14.43 8.13
CA ALA A 94 0.19 -14.48 8.46
C ALA A 94 0.71 -13.11 8.88
N LEU A 95 0.21 -12.05 8.25
CA LEU A 95 0.57 -10.69 8.64
C LEU A 95 0.19 -10.41 10.08
N LEU A 96 -1.04 -10.73 10.46
CA LEU A 96 -1.46 -10.51 11.83
C LEU A 96 -0.58 -11.28 12.81
N ALA A 97 -0.21 -12.51 12.47
CA ALA A 97 0.66 -13.29 13.34
C ALA A 97 2.04 -12.68 13.44
N GLU A 98 2.57 -12.18 12.33
CA GLU A 98 3.88 -11.56 12.34
C GLU A 98 3.88 -10.28 13.16
N ILE A 99 2.81 -9.48 13.06
CA ILE A 99 2.66 -8.28 13.89
C ILE A 99 2.65 -8.65 15.37
N GLU A 100 1.90 -9.70 15.73
CA GLU A 100 1.85 -10.09 17.12
C GLU A 100 3.22 -10.51 17.63
N LYS A 101 3.99 -11.21 16.80
CA LYS A 101 5.31 -11.69 17.17
C LYS A 101 6.30 -10.53 17.30
N GLN A 102 6.31 -9.60 16.35
N GLN A 102 6.34 -9.62 16.32
CA GLN A 102 7.36 -8.60 16.24
CA GLN A 102 7.37 -8.59 16.26
C GLN A 102 7.03 -7.28 16.93
C GLN A 102 7.02 -7.36 17.09
N ILE A 103 5.75 -6.96 17.13
CA ILE A 103 5.34 -5.67 17.67
C ILE A 103 4.52 -5.85 18.93
N GLY A 104 3.53 -6.73 18.88
CA GLY A 104 2.80 -7.07 20.08
C GLY A 104 1.74 -6.07 20.49
N LEU A 105 1.30 -5.20 19.58
CA LEU A 105 0.21 -4.27 19.81
C LEU A 105 -0.93 -4.63 18.88
N PRO A 106 -2.17 -4.38 19.27
CA PRO A 106 -3.31 -4.82 18.46
C PRO A 106 -3.53 -3.91 17.26
N VAL A 107 -3.83 -4.52 16.12
CA VAL A 107 -4.29 -3.78 14.96
C VAL A 107 -5.77 -3.47 15.15
N THR A 108 -6.13 -2.20 15.21
CA THR A 108 -7.52 -1.85 15.46
C THR A 108 -8.24 -1.32 14.23
N ARG A 109 -7.53 -0.75 13.26
CA ARG A 109 -8.12 -0.15 12.08
C ARG A 109 -7.22 -0.47 10.91
N ALA A 110 -7.84 -0.57 9.73
CA ALA A 110 -7.12 -0.75 8.48
C ALA A 110 -7.73 0.14 7.41
N VAL A 111 -6.89 0.70 6.54
CA VAL A 111 -7.30 1.45 5.37
C VAL A 111 -6.76 0.74 4.14
N SER A 112 -7.61 0.54 3.13
CA SER A 112 -7.18 0.03 1.83
C SER A 112 -7.08 1.19 0.85
N THR A 113 -5.97 1.27 0.12
CA THR A 113 -5.68 2.44 -0.69
C THR A 113 -6.16 2.35 -2.13
N HIS A 114 -6.64 1.19 -2.60
CA HIS A 114 -7.49 1.10 -3.80
C HIS A 114 -8.11 -0.30 -3.80
N PHE A 115 -8.83 -0.62 -4.86
CA PHE A 115 -9.75 -1.76 -4.85
C PHE A 115 -9.16 -3.09 -5.25
N HIS A 116 -7.91 -3.14 -5.73
CA HIS A 116 -7.32 -4.38 -6.19
C HIS A 116 -7.03 -5.33 -5.03
N ASP A 117 -6.88 -6.61 -5.38
N ASP A 117 -6.86 -6.61 -5.40
CA ASP A 117 -6.73 -7.67 -4.37
CA ASP A 117 -6.70 -7.67 -4.40
C ASP A 117 -5.46 -7.55 -3.55
C ASP A 117 -5.48 -7.48 -3.51
N ASP A 118 -4.42 -6.88 -4.03
CA ASP A 118 -3.23 -6.63 -3.23
C ASP A 118 -3.46 -5.58 -2.14
N ARG A 119 -4.63 -4.95 -2.13
CA ARG A 119 -4.99 -3.92 -1.17
C ARG A 119 -6.15 -4.33 -0.27
N VAL A 120 -7.13 -5.08 -0.82
CA VAL A 120 -8.32 -5.49 -0.10
C VAL A 120 -8.40 -6.99 0.13
N GLY A 121 -7.59 -7.82 -0.55
CA GLY A 121 -7.72 -9.26 -0.37
C GLY A 121 -7.17 -9.62 0.99
N GLY A 122 -8.04 -10.10 1.88
CA GLY A 122 -7.70 -10.20 3.29
C GLY A 122 -8.54 -9.35 4.20
N VAL A 123 -9.36 -8.47 3.65
CA VAL A 123 -10.26 -7.67 4.46
C VAL A 123 -11.22 -8.53 5.28
N ASP A 124 -11.69 -9.64 4.72
CA ASP A 124 -12.60 -10.50 5.50
C ASP A 124 -11.87 -11.10 6.71
N VAL A 125 -10.60 -11.51 6.54
CA VAL A 125 -9.78 -11.97 7.66
C VAL A 125 -9.64 -10.87 8.71
N LEU A 126 -9.34 -9.65 8.27
CA LEU A 126 -9.21 -8.55 9.22
C LEU A 126 -10.50 -8.31 9.99
N ARG A 127 -11.62 -8.28 9.26
N ARG A 127 -11.62 -8.25 9.28
CA ARG A 127 -12.90 -7.96 9.86
CA ARG A 127 -12.87 -7.91 9.95
C ARG A 127 -13.28 -8.99 10.91
C ARG A 127 -13.23 -8.98 10.98
N ALA A 128 -12.95 -10.26 10.68
CA ALA A 128 -13.24 -11.33 11.63
C ALA A 128 -12.24 -11.37 12.78
N ALA A 129 -11.10 -10.70 12.66
CA ALA A 129 -10.16 -10.52 13.74
C ALA A 129 -10.46 -9.26 14.54
N GLY A 130 -11.59 -8.60 14.26
CA GLY A 130 -11.99 -7.43 15.01
C GLY A 130 -11.43 -6.12 14.51
N VAL A 131 -10.73 -6.11 13.37
CA VAL A 131 -10.17 -4.89 12.82
C VAL A 131 -11.28 -4.16 12.08
N ALA A 132 -11.42 -2.87 12.32
CA ALA A 132 -12.35 -2.05 11.56
C ALA A 132 -11.70 -1.64 10.25
N THR A 133 -12.35 -1.95 9.13
CA THR A 133 -11.79 -1.76 7.80
C THR A 133 -12.46 -0.58 7.10
N TYR A 134 -11.63 0.21 6.42
CA TYR A 134 -12.03 1.47 5.81
C TYR A 134 -11.50 1.59 4.39
N ALA A 135 -12.24 2.31 3.54
CA ALA A 135 -11.77 2.70 2.22
C ALA A 135 -12.66 3.83 1.73
N SER A 136 -12.23 4.53 0.69
CA SER A 136 -13.10 5.53 0.11
C SER A 136 -14.36 4.88 -0.46
N PRO A 137 -15.43 5.67 -0.65
CA PRO A 137 -16.60 5.12 -1.34
C PRO A 137 -16.29 4.65 -2.74
N SER A 138 -15.40 5.34 -3.44
N SER A 138 -15.40 5.34 -3.46
CA SER A 138 -15.00 4.91 -4.77
CA SER A 138 -15.00 4.89 -4.78
C SER A 138 -14.35 3.53 -4.74
C SER A 138 -14.37 3.50 -4.72
N THR A 139 -13.43 3.32 -3.80
CA THR A 139 -12.81 2.00 -3.66
C THR A 139 -13.85 0.94 -3.32
N ARG A 140 -14.77 1.24 -2.40
CA ARG A 140 -15.76 0.26 -2.04
C ARG A 140 -16.64 -0.14 -3.21
N ARG A 141 -17.06 0.84 -4.03
N ARG A 141 -17.06 0.83 -4.03
CA ARG A 141 -17.86 0.53 -5.21
CA ARG A 141 -17.86 0.52 -5.20
C ARG A 141 -17.10 -0.32 -6.20
C ARG A 141 -17.08 -0.35 -6.18
N LEU A 142 -15.83 0.02 -6.44
CA LEU A 142 -15.04 -0.72 -7.41
C LEU A 142 -14.74 -2.12 -6.92
N ALA A 143 -14.44 -2.27 -5.64
CA ALA A 143 -14.20 -3.61 -5.08
C ALA A 143 -15.44 -4.48 -5.21
N GLU A 144 -16.60 -3.93 -4.89
CA GLU A 144 -17.84 -4.68 -5.02
C GLU A 144 -18.06 -5.12 -6.47
N ALA A 145 -17.87 -4.21 -7.42
CA ALA A 145 -18.10 -4.55 -8.82
C ALA A 145 -17.10 -5.58 -9.34
N GLU A 146 -15.88 -5.59 -8.78
CA GLU A 146 -14.84 -6.53 -9.18
C GLU A 146 -15.04 -7.92 -8.58
N GLY A 147 -15.87 -8.04 -7.55
CA GLY A 147 -15.92 -9.28 -6.79
C GLY A 147 -14.80 -9.41 -5.79
N ASN A 148 -14.21 -8.30 -5.37
CA ASN A 148 -13.18 -8.32 -4.35
C ASN A 148 -13.81 -8.08 -2.97
N GLU A 149 -13.04 -8.33 -1.93
CA GLU A 149 -13.51 -8.06 -0.57
C GLU A 149 -13.71 -6.58 -0.34
N ILE A 150 -14.69 -6.24 0.48
CA ILE A 150 -15.16 -4.88 0.57
C ILE A 150 -14.94 -4.34 1.98
N PRO A 151 -14.10 -3.32 2.17
CA PRO A 151 -13.97 -2.69 3.50
C PRO A 151 -15.33 -2.21 4.01
N THR A 152 -15.48 -2.22 5.34
CA THR A 152 -16.78 -1.93 5.94
C THR A 152 -17.17 -0.46 5.88
N HIS A 153 -16.24 0.43 6.17
CA HIS A 153 -16.53 1.83 6.44
C HIS A 153 -16.04 2.72 5.32
N SER A 154 -16.83 3.72 4.96
CA SER A 154 -16.49 4.63 3.89
C SER A 154 -15.77 5.87 4.44
N LEU A 155 -14.73 6.27 3.73
CA LEU A 155 -13.92 7.46 4.03
C LEU A 155 -14.37 8.60 3.15
N GLU A 156 -15.15 9.50 3.72
CA GLU A 156 -15.62 10.69 3.02
C GLU A 156 -14.50 11.75 3.00
N GLY A 157 -14.72 12.79 2.22
CA GLY A 157 -13.77 13.88 2.21
C GLY A 157 -12.58 13.72 1.30
N LEU A 158 -12.62 12.71 0.41
CA LEU A 158 -11.49 12.34 -0.44
C LEU A 158 -11.88 12.27 -1.92
N SER A 159 -13.03 12.80 -2.31
CA SER A 159 -13.52 12.55 -3.65
C SER A 159 -12.94 13.49 -4.71
N SER A 160 -12.31 14.60 -4.35
N SER A 160 -12.29 14.58 -4.33
CA SER A 160 -11.75 15.53 -5.32
CA SER A 160 -11.75 15.55 -5.25
C SER A 160 -10.23 15.51 -5.23
C SER A 160 -10.22 15.52 -5.20
N SER A 161 -9.55 15.50 -6.36
N SER A 161 -9.58 15.60 -6.36
CA SER A 161 -8.09 15.49 -6.34
CA SER A 161 -8.11 15.62 -6.41
C SER A 161 -7.56 16.66 -5.53
C SER A 161 -7.58 16.72 -5.51
N GLY A 162 -6.55 16.39 -4.73
CA GLY A 162 -6.00 17.30 -3.77
C GLY A 162 -6.62 17.23 -2.39
N ASP A 163 -7.68 16.47 -2.20
CA ASP A 163 -8.29 16.34 -0.90
C ASP A 163 -7.39 15.56 0.04
N ALA A 164 -7.49 15.92 1.32
CA ALA A 164 -6.73 15.29 2.37
C ALA A 164 -7.59 15.22 3.62
N VAL A 165 -7.46 14.13 4.38
CA VAL A 165 -8.12 13.95 5.67
C VAL A 165 -7.16 13.28 6.64
N ARG A 166 -7.36 13.54 7.92
CA ARG A 166 -6.58 12.85 8.94
C ARG A 166 -7.26 11.55 9.34
N PHE A 167 -6.41 10.55 9.63
CA PHE A 167 -6.90 9.24 10.07
C PHE A 167 -5.86 8.72 11.06
N GLY A 168 -6.13 8.86 12.34
CA GLY A 168 -5.14 8.49 13.33
C GLY A 168 -3.84 9.22 13.08
N PRO A 169 -2.73 8.49 13.10
CA PRO A 169 -1.40 9.08 12.93
C PRO A 169 -1.00 9.38 11.49
N VAL A 170 -1.90 9.27 10.53
CA VAL A 170 -1.56 9.55 9.15
C VAL A 170 -2.49 10.59 8.56
N GLU A 171 -2.06 11.11 7.40
CA GLU A 171 -2.91 11.87 6.51
C GLU A 171 -3.14 11.01 5.27
N LEU A 172 -4.40 10.96 4.84
CA LEU A 172 -4.79 10.31 3.59
C LEU A 172 -4.97 11.39 2.54
N PHE A 173 -4.48 11.16 1.34
CA PHE A 173 -4.48 12.15 0.27
C PHE A 173 -4.93 11.50 -1.02
N TYR A 174 -5.87 12.13 -1.71
CA TYR A 174 -6.32 11.64 -3.01
C TYR A 174 -5.65 12.47 -4.09
N PRO A 175 -4.68 11.93 -4.84
CA PRO A 175 -3.91 12.77 -5.78
C PRO A 175 -4.57 12.92 -7.14
N GLY A 176 -5.66 12.21 -7.40
CA GLY A 176 -6.19 12.06 -8.75
C GLY A 176 -5.91 10.67 -9.29
N ALA A 177 -6.49 10.41 -10.45
CA ALA A 177 -6.36 9.10 -11.08
C ALA A 177 -4.93 8.85 -11.50
N ALA A 178 -4.48 7.61 -11.31
CA ALA A 178 -3.10 7.24 -11.62
C ALA A 178 -3.07 5.76 -11.98
N HIS A 179 -2.54 4.95 -11.07
CA HIS A 179 -2.62 3.49 -11.20
C HIS A 179 -4.06 3.01 -11.27
N SER A 180 -4.93 3.65 -10.52
CA SER A 180 -6.37 3.42 -10.57
C SER A 180 -7.06 4.75 -10.34
N THR A 181 -8.37 4.79 -10.57
N THR A 181 -8.37 4.79 -10.59
CA THR A 181 -9.07 6.06 -10.39
CA THR A 181 -9.10 6.04 -10.41
C THR A 181 -9.24 6.40 -8.92
C THR A 181 -9.29 6.38 -8.94
N ASP A 182 -9.20 5.39 -8.05
CA ASP A 182 -9.47 5.54 -6.64
C ASP A 182 -8.20 5.58 -5.76
N ASN A 183 -7.01 5.52 -6.32
CA ASN A 183 -5.83 5.32 -5.48
C ASN A 183 -5.62 6.48 -4.50
N LEU A 184 -5.33 6.11 -3.25
CA LEU A 184 -4.96 7.04 -2.18
C LEU A 184 -3.49 6.89 -1.85
N VAL A 185 -2.94 7.98 -1.32
N VAL A 185 -2.88 7.97 -1.40
CA VAL A 185 -1.58 8.07 -0.81
CA VAL A 185 -1.56 7.90 -0.80
C VAL A 185 -1.66 8.35 0.69
C VAL A 185 -1.69 8.28 0.69
N VAL A 186 -0.67 7.92 1.45
CA VAL A 186 -0.67 8.03 2.90
C VAL A 186 0.62 8.69 3.35
N TYR A 187 0.51 9.73 4.19
CA TYR A 187 1.69 10.39 4.74
C TYR A 187 1.70 10.23 6.24
N VAL A 188 2.88 9.94 6.78
CA VAL A 188 3.09 9.83 8.22
C VAL A 188 3.86 11.08 8.65
N PRO A 189 3.19 12.11 9.16
CA PRO A 189 3.90 13.39 9.39
C PRO A 189 4.97 13.29 10.45
N SER A 190 4.82 12.42 11.44
CA SER A 190 5.83 12.33 12.50
C SER A 190 7.18 11.87 11.97
N ALA A 191 7.20 11.17 10.84
CA ALA A 191 8.39 10.55 10.31
C ALA A 191 8.70 11.01 8.88
N ASN A 192 7.88 11.87 8.30
CA ASN A 192 8.02 12.28 6.90
C ASN A 192 8.11 11.08 5.97
N VAL A 193 7.25 10.10 6.21
CA VAL A 193 7.17 8.91 5.37
C VAL A 193 5.98 9.05 4.43
N LEU A 194 6.25 8.91 3.13
CA LEU A 194 5.22 8.94 2.12
C LEU A 194 5.02 7.53 1.58
N TYR A 195 3.86 6.98 1.81
CA TYR A 195 3.47 5.68 1.28
C TYR A 195 2.65 5.95 0.02
N GLY A 196 3.28 5.74 -1.12
CA GLY A 196 2.65 6.03 -2.39
C GLY A 196 1.67 5.00 -2.86
N GLY A 197 1.74 3.80 -2.31
CA GLY A 197 0.95 2.71 -2.84
C GLY A 197 1.25 2.50 -4.31
N CYS A 198 0.27 1.96 -5.04
CA CYS A 198 0.56 1.50 -6.38
C CYS A 198 0.64 2.62 -7.42
N ALA A 199 0.32 3.84 -7.02
CA ALA A 199 0.60 5.01 -7.84
C ALA A 199 2.07 5.34 -7.94
N VAL A 200 2.93 4.70 -7.14
CA VAL A 200 4.36 4.97 -7.13
C VAL A 200 5.10 3.66 -7.35
N HIS A 201 6.05 3.67 -8.28
CA HIS A 201 6.90 2.53 -8.57
C HIS A 201 8.29 2.70 -8.02
N GLU A 202 8.93 1.55 -7.83
CA GLU A 202 10.28 1.53 -7.32
C GLU A 202 11.29 1.95 -8.41
N LEU A 203 12.47 2.37 -7.97
CA LEU A 203 13.48 2.89 -8.90
C LEU A 203 13.97 1.89 -9.92
N SER A 204 14.05 0.61 -9.56
CA SER A 204 14.55 -0.36 -10.52
C SER A 204 13.53 -0.72 -11.59
N SER A 205 12.31 -0.24 -11.44
CA SER A 205 11.22 -0.58 -12.35
C SER A 205 11.49 -0.05 -13.73
N THR A 206 11.18 -0.87 -14.72
CA THR A 206 11.20 -0.47 -16.12
C THR A 206 9.80 -0.17 -16.61
N SER A 207 8.83 -0.84 -16.01
CA SER A 207 7.49 -0.83 -16.55
C SER A 207 6.58 -0.15 -15.56
N ALA A 208 5.41 0.17 -16.07
CA ALA A 208 4.37 0.78 -15.27
C ALA A 208 3.51 -0.25 -14.54
N GLY A 209 3.97 -1.50 -14.40
CA GLY A 209 3.24 -2.50 -13.64
C GLY A 209 1.93 -2.91 -14.30
N ASN A 210 0.94 -3.23 -13.48
CA ASN A 210 -0.36 -3.65 -13.99
C ASN A 210 -1.21 -2.41 -14.22
N VAL A 211 -1.35 -2.03 -15.49
CA VAL A 211 -2.02 -0.78 -15.88
C VAL A 211 -3.46 -1.01 -16.31
N ALA A 212 -4.03 -2.18 -16.01
CA ALA A 212 -5.34 -2.49 -16.57
C ALA A 212 -6.38 -1.43 -16.21
N ASP A 213 -6.29 -0.87 -15.00
CA ASP A 213 -7.25 0.10 -14.49
C ASP A 213 -6.72 1.51 -14.39
N ALA A 214 -5.58 1.76 -15.01
CA ALA A 214 -4.86 3.02 -14.88
C ALA A 214 -5.37 4.08 -15.82
N ASP A 215 -4.99 5.32 -15.53
CA ASP A 215 -5.18 6.48 -16.40
C ASP A 215 -3.78 7.01 -16.69
N LEU A 216 -3.16 6.52 -17.78
CA LEU A 216 -1.77 6.89 -18.07
C LEU A 216 -1.63 8.37 -18.36
N ALA A 217 -2.65 9.00 -18.93
CA ALA A 217 -2.58 10.42 -19.27
C ALA A 217 -2.63 11.28 -18.00
N GLU A 218 -3.44 10.91 -17.01
CA GLU A 218 -3.57 11.71 -15.81
C GLU A 218 -2.48 11.40 -14.79
N TRP A 219 -1.92 10.21 -14.85
CA TRP A 219 -0.96 9.76 -13.85
C TRP A 219 0.15 10.76 -13.60
N PRO A 220 0.84 11.33 -14.58
N PRO A 220 0.85 11.31 -14.59
CA PRO A 220 1.89 12.30 -14.28
CA PRO A 220 1.89 12.30 -14.28
C PRO A 220 1.36 13.51 -13.52
C PRO A 220 1.36 13.52 -13.53
N THR A 221 0.15 13.99 -13.87
CA THR A 221 -0.43 15.13 -13.17
C THR A 221 -0.72 14.79 -11.72
N SER A 222 -1.20 13.57 -11.47
CA SER A 222 -1.42 13.13 -10.10
C SER A 222 -0.12 13.02 -9.32
N VAL A 223 0.95 12.52 -9.95
CA VAL A 223 2.26 12.49 -9.29
C VAL A 223 2.75 13.89 -8.98
N GLU A 224 2.57 14.84 -9.91
CA GLU A 224 2.96 16.21 -9.63
C GLU A 224 2.22 16.76 -8.41
N ARG A 225 0.95 16.39 -8.23
CA ARG A 225 0.22 16.82 -7.06
C ARG A 225 0.85 16.27 -5.78
N ILE A 226 1.26 15.00 -5.80
CA ILE A 226 1.92 14.42 -4.65
C ILE A 226 3.20 15.17 -4.34
N GLN A 227 4.02 15.40 -5.38
CA GLN A 227 5.28 16.12 -5.21
C GLN A 227 5.08 17.49 -4.58
N LYS A 228 4.04 18.21 -5.02
CA LYS A 228 3.78 19.54 -4.50
C LYS A 228 3.30 19.49 -3.07
N HIS A 229 2.51 18.47 -2.72
CA HIS A 229 1.90 18.43 -1.41
C HIS A 229 2.85 17.91 -0.33
N TYR A 230 3.82 17.06 -0.70
CA TYR A 230 4.69 16.40 0.28
C TYR A 230 6.16 16.60 -0.07
N PRO A 231 6.60 17.87 -0.14
CA PRO A 231 7.98 18.14 -0.57
C PRO A 231 9.03 17.76 0.46
N GLU A 232 8.64 17.52 1.71
N GLU A 232 8.64 17.52 1.71
CA GLU A 232 9.57 17.17 2.77
CA GLU A 232 9.58 17.16 2.76
C GLU A 232 9.65 15.66 3.02
C GLU A 232 9.65 15.67 3.02
N ALA A 233 9.03 14.85 2.17
CA ALA A 233 9.09 13.41 2.37
C ALA A 233 10.54 12.95 2.36
N GLU A 234 10.88 12.11 3.32
CA GLU A 234 12.21 11.53 3.43
C GLU A 234 12.32 10.10 2.94
N VAL A 235 11.26 9.33 3.06
CA VAL A 235 11.16 7.97 2.58
C VAL A 235 9.89 7.92 1.75
N VAL A 236 9.99 7.30 0.58
CA VAL A 236 8.87 7.04 -0.31
C VAL A 236 8.78 5.54 -0.50
N ILE A 237 7.62 4.97 -0.21
CA ILE A 237 7.38 3.53 -0.30
C ILE A 237 6.44 3.26 -1.46
N PRO A 238 6.84 2.43 -2.42
CA PRO A 238 5.96 2.05 -3.53
C PRO A 238 5.02 0.92 -3.12
N GLY A 239 4.00 0.69 -3.93
CA GLY A 239 3.12 -0.43 -3.68
C GLY A 239 3.76 -1.78 -3.84
N HIS A 240 4.80 -1.85 -4.67
CA HIS A 240 5.53 -3.07 -4.97
C HIS A 240 7.00 -2.67 -5.08
N GLY A 241 7.87 -3.34 -4.32
CA GLY A 241 9.31 -3.13 -4.44
C GLY A 241 9.92 -2.25 -3.37
N LEU A 242 11.12 -1.78 -3.65
CA LEU A 242 11.98 -1.19 -2.63
C LEU A 242 11.63 0.28 -2.34
N PRO A 243 11.57 0.67 -1.05
CA PRO A 243 11.53 2.10 -0.73
C PRO A 243 12.76 2.84 -1.15
N GLY A 244 12.60 4.15 -1.32
CA GLY A 244 13.70 5.06 -1.58
C GLY A 244 13.33 6.44 -1.13
N GLY A 245 13.85 7.44 -1.82
CA GLY A 245 13.57 8.83 -1.53
C GLY A 245 12.59 9.42 -2.54
N LEU A 246 12.56 10.76 -2.55
CA LEU A 246 11.62 11.48 -3.42
C LEU A 246 11.81 11.16 -4.90
N ASP A 247 12.99 10.67 -5.31
CA ASP A 247 13.19 10.35 -6.71
C ASP A 247 12.20 9.32 -7.24
N LEU A 248 11.62 8.49 -6.38
CA LEU A 248 10.64 7.53 -6.87
C LEU A 248 9.49 8.23 -7.57
N LEU A 249 9.14 9.44 -7.15
CA LEU A 249 8.02 10.14 -7.77
C LEU A 249 8.32 10.52 -9.22
N GLN A 250 9.42 11.22 -9.46
CA GLN A 250 9.77 11.56 -10.84
C GLN A 250 10.01 10.32 -11.68
N HIS A 251 10.66 9.29 -11.11
CA HIS A 251 10.89 8.06 -11.84
C HIS A 251 9.56 7.46 -12.29
N THR A 252 8.57 7.45 -11.39
CA THR A 252 7.26 6.91 -11.75
C THR A 252 6.67 7.66 -12.93
N ALA A 253 6.68 8.99 -12.88
CA ALA A 253 6.18 9.76 -14.00
C ALA A 253 6.90 9.39 -15.29
N ASN A 254 8.21 9.22 -15.20
CA ASN A 254 9.00 8.88 -16.37
C ASN A 254 8.59 7.54 -16.94
N VAL A 255 8.45 6.51 -16.09
CA VAL A 255 8.13 5.18 -16.61
C VAL A 255 6.72 5.15 -17.19
N VAL A 256 5.79 5.89 -16.60
CA VAL A 256 4.42 5.90 -17.10
C VAL A 256 4.37 6.60 -18.45
N LYS A 257 5.08 7.74 -18.60
CA LYS A 257 5.09 8.46 -19.88
C LYS A 257 5.73 7.61 -20.97
N ALA A 258 6.78 6.86 -20.63
CA ALA A 258 7.41 6.00 -21.62
C ALA A 258 6.50 4.84 -21.99
N HIS A 259 5.68 4.38 -21.05
CA HIS A 259 4.72 3.33 -21.34
C HIS A 259 3.64 3.86 -22.28
N LYS A 260 2.95 4.93 -21.87
CA LYS A 260 1.85 5.48 -22.66
C LYS A 260 2.26 5.66 -24.11
N ASN A 261 3.41 6.28 -24.33
CA ASN A 261 3.99 6.41 -25.66
C ASN A 261 4.28 5.03 -26.24
ZN ZN B . -3.63 -1.99 -8.13
ZN ZN C . -0.47 -2.88 -6.85
N10 XN6 D . -0.84 -4.79 -9.45
C12 XN6 D . 0.66 -2.87 -9.70
C16 XN6 D . 2.54 -5.24 -10.82
C18 XN6 D . 4.33 -5.84 -12.31
C22 XN6 D . 7.67 -6.87 -10.49
C25 XN6 D . 4.78 -4.46 -10.43
C01 XN6 D . -4.33 -6.22 -10.06
C02 XN6 D . -3.32 -6.57 -8.97
C03 XN6 D . -3.85 -7.57 -7.95
C04 XN6 D . -2.01 -7.03 -9.60
C05 XN6 D . -1.79 -8.33 -10.02
C06 XN6 D . -0.57 -8.73 -10.59
C07 XN6 D . 0.48 -7.83 -10.73
C08 XN6 D . 0.30 -6.48 -10.32
C09 XN6 D . -0.93 -6.12 -9.74
C11 XN6 D . 0.36 -4.33 -9.80
C15 XN6 D . 1.12 -5.33 -10.37
C17 XN6 D . 2.99 -5.90 -11.94
C19 XN6 D . 5.25 -5.11 -11.57
C20 XN6 D . 6.75 -5.04 -11.99
C27 XN6 D . 3.45 -4.52 -10.05
F26 XN6 D . 5.63 -3.71 -9.70
N21 XN6 D . 7.54 -5.48 -10.85
N23 XN6 D . 8.24 -7.20 -9.42
N24 XN6 D . 7.14 -7.82 -11.40
O13 XN6 D . 1.29 -2.33 -10.67
O14 XN6 D . 0.20 -2.20 -8.75
H101 XN6 D . -1.56 -4.25 -9.03
H181 XN6 D . 4.67 -6.38 -13.19
H012 XN6 D . -3.80 -5.95 -10.96
H013 XN6 D . -4.94 -5.37 -9.73
H011 XN6 D . -4.97 -7.07 -10.24
H021 XN6 D . -3.16 -5.66 -8.40
H032 XN6 D . -4.37 -8.37 -8.46
H031 XN6 D . -4.53 -7.08 -7.26
H033 XN6 D . -3.01 -7.98 -7.38
H051 XN6 D . -2.59 -9.06 -9.92
H061 XN6 D . -0.43 -9.76 -10.90
H071 XN6 D . 1.42 -8.15 -11.17
H171 XN6 D . 2.30 -6.47 -12.55
H201 XN6 D . 6.93 -5.71 -12.83
H202 XN6 D . 7.03 -4.03 -12.26
H271 XN6 D . 3.13 -4.02 -9.15
H211 XN6 D . 8.01 -4.80 -10.29
H231 XN6 D . 8.40 -8.16 -9.20
H241 XN6 D . 6.65 -7.52 -12.22
H242 XN6 D . 7.22 -8.80 -11.20
#